data_3G5S
#
_entry.id   3G5S
#
_cell.length_a   48.257
_cell.length_b   92.226
_cell.length_c   104.501
_cell.angle_alpha   90.00
_cell.angle_beta   90.00
_cell.angle_gamma   90.00
#
_symmetry.space_group_name_H-M   'P 21 21 21'
#
loop_
_entity.id
_entity.type
_entity.pdbx_description
1 polymer 'Methylenetetrahydrofolate--tRNA-(uracil-5-)-methyltransferase trmFO'
2 non-polymer 'FLAVIN-ADENINE DINUCLEOTIDE'
3 non-polymer GLUTATHIONE
4 non-polymer 'MAGNESIUM ION'
5 non-polymer 1,2-ETHANEDIOL
6 water water
#
_entity_poly.entity_id   1
_entity_poly.type   'polypeptide(L)'
_entity_poly.pdbx_seq_one_letter_code
;(MSE)ERVNVVGAGLAGSEAAWTLLRLGVPVRLFE(MSE)RPKR(MSE)TPAHGTDRFAEIVCSNSLGGEGETNAKGLLQ
AE(MSE)RRAGSLV(MSE)EAADLARVPAGGALAVDREEFSGYITERLTGHPLLEVVREEVREIPPGITVLATGPLTSEA
LAEALKRRFGDHFLAYYDAASPIVLYESIDLTKCFRAGRYGQSADYLNCP(MSE)TEEEYRRFHQALLEAQRHTPHDWEK
LEFFEACVPVEELARRGYQTLLFGP(MSE)KPVGLVDPRTGKEPFAVVQLRQEDKAGR(MSE)WSLVGFQTGLKWPEQKR
LIQ(MSE)IPGLENAEIVRYGV(MSE)HRNTYLNAPRLLGETLEFREAEGLYAAGVLAGVEGYLESAATGFLAGLNAARK
ALGLPPVAPPEES(MSE)LGGLVRYLATANPEGFQP(MSE)YANWGLVPPVEGR(MSE)GKKEKRQA(MSE)YRRGLEAF
SAWLSGLNPPLPRPEAALV
;
_entity_poly.pdbx_strand_id   A
#
# COMPACT_ATOMS: atom_id res chain seq x y z
N GLU A 2 11.66 30.88 3.76
CA GLU A 2 11.28 29.67 4.49
C GLU A 2 10.66 28.67 3.52
N ARG A 3 11.01 27.40 3.67
CA ARG A 3 10.56 26.35 2.76
C ARG A 3 10.14 25.13 3.54
N VAL A 4 9.11 24.44 3.04
CA VAL A 4 8.81 23.10 3.52
C VAL A 4 9.76 22.12 2.86
N ASN A 5 10.37 21.25 3.66
CA ASN A 5 11.25 20.23 3.13
C ASN A 5 10.44 19.07 2.58
N VAL A 6 10.82 18.61 1.39
CA VAL A 6 10.30 17.35 0.86
C VAL A 6 11.51 16.49 0.54
N VAL A 7 11.59 15.35 1.21
CA VAL A 7 12.76 14.50 1.10
C VAL A 7 12.44 13.32 0.19
N GLY A 8 13.04 13.33 -0.99
CA GLY A 8 12.80 12.32 -2.01
C GLY A 8 11.92 12.87 -3.11
N ALA A 9 12.41 12.83 -4.35
CA ALA A 9 11.68 13.33 -5.51
C ALA A 9 11.21 12.19 -6.40
N GLY A 10 10.60 11.18 -5.79
CA GLY A 10 9.97 10.10 -6.53
C GLY A 10 8.51 10.41 -6.79
N LEU A 11 7.68 9.38 -6.85
CA LEU A 11 6.26 9.56 -7.11
C LEU A 11 5.59 10.41 -6.02
N ALA A 12 5.82 10.03 -4.75
CA ALA A 12 5.19 10.72 -3.64
C ALA A 12 5.74 12.12 -3.44
N GLY A 13 7.05 12.27 -3.46
CA GLY A 13 7.66 13.55 -3.17
C GLY A 13 7.36 14.56 -4.25
N SER A 14 7.32 14.11 -5.50
CA SER A 14 7.00 15.02 -6.59
C SER A 14 5.58 15.56 -6.41
N GLU A 15 4.64 14.70 -6.08
CA GLU A 15 3.28 15.16 -5.88
C GLU A 15 3.14 16.03 -4.63
N ALA A 16 3.83 15.66 -3.56
CA ALA A 16 3.79 16.48 -2.35
C ALA A 16 4.31 17.89 -2.65
N ALA A 17 5.45 17.97 -3.34
CA ALA A 17 6.02 19.26 -3.71
C ALA A 17 5.05 20.06 -4.55
N TRP A 18 4.43 19.42 -5.54
CA TRP A 18 3.51 20.15 -6.40
C TRP A 18 2.34 20.72 -5.62
N THR A 19 1.85 19.95 -4.65
CA THR A 19 0.72 20.39 -3.86
C THR A 19 1.07 21.64 -3.05
N LEU A 20 2.22 21.60 -2.40
CA LEU A 20 2.72 22.74 -1.66
C LEU A 20 2.84 23.96 -2.57
N LEU A 21 3.47 23.77 -3.73
CA LEU A 21 3.71 24.87 -4.65
C LEU A 21 2.40 25.49 -5.14
N ARG A 22 1.42 24.64 -5.43
CA ARG A 22 0.10 25.08 -5.90
C ARG A 22 -0.59 25.96 -4.87
N LEU A 23 -0.32 25.69 -3.60
CA LEU A 23 -0.90 26.46 -2.50
C LEU A 23 -0.02 27.64 -2.10
N GLY A 24 1.01 27.92 -2.89
CA GLY A 24 1.87 29.06 -2.66
C GLY A 24 2.88 28.92 -1.54
N VAL A 25 3.20 27.68 -1.18
CA VAL A 25 4.16 27.41 -0.11
C VAL A 25 5.48 26.95 -0.73
N PRO A 26 6.58 27.68 -0.47
CA PRO A 26 7.86 27.30 -1.09
C PRO A 26 8.37 25.95 -0.58
N VAL A 27 9.14 25.29 -1.42
CA VAL A 27 9.58 23.92 -1.18
C VAL A 27 11.09 23.82 -1.34
N ARG A 28 11.70 23.02 -0.48
CA ARG A 28 13.06 22.57 -0.63
C ARG A 28 12.98 21.07 -0.88
N LEU A 29 13.23 20.68 -2.13
CA LEU A 29 13.06 19.30 -2.56
C LEU A 29 14.43 18.64 -2.64
N PHE A 30 14.65 17.66 -1.77
CA PHE A 30 15.92 16.94 -1.73
C PHE A 30 15.85 15.67 -2.56
N GLU A 31 16.86 15.44 -3.37
CA GLU A 31 16.96 14.21 -4.13
C GLU A 31 18.42 13.83 -4.27
N ARG A 33 19.68 11.34 -6.14
CA ARG A 33 20.03 11.00 -7.50
C ARG A 33 20.41 12.25 -8.26
N PRO A 34 21.31 12.12 -9.26
CA PRO A 34 21.91 10.89 -9.77
C PRO A 34 23.23 10.49 -9.10
N LYS A 35 23.82 11.36 -8.28
CA LYS A 35 25.14 11.05 -7.74
C LYS A 35 25.11 9.90 -6.73
N ARG A 36 23.95 9.69 -6.11
CA ARG A 36 23.73 8.48 -5.32
C ARG A 36 22.47 7.83 -5.83
N THR A 38 19.70 4.57 -6.09
CA THR A 38 19.18 3.39 -5.44
C THR A 38 19.49 2.23 -6.37
N PRO A 39 19.36 0.99 -5.87
CA PRO A 39 19.56 -0.16 -6.75
C PRO A 39 18.57 -0.27 -7.93
N ALA A 40 17.47 0.47 -7.91
CA ALA A 40 16.44 0.35 -8.94
C ALA A 40 16.39 1.50 -9.94
N HIS A 41 16.97 2.64 -9.58
CA HIS A 41 16.89 3.84 -10.41
C HIS A 41 18.06 3.96 -11.37
N GLY A 42 17.85 4.68 -12.47
CA GLY A 42 18.92 4.90 -13.44
C GLY A 42 19.03 6.32 -13.97
N THR A 43 18.17 7.22 -13.50
CA THR A 43 18.15 8.58 -14.04
C THR A 43 18.22 9.66 -12.95
N ASP A 44 18.27 10.92 -13.40
CA ASP A 44 18.24 12.06 -12.50
C ASP A 44 16.84 12.68 -12.40
N ARG A 45 15.86 12.02 -13.02
CA ARG A 45 14.52 12.58 -13.17
C ARG A 45 13.67 12.42 -11.92
N PHE A 46 12.82 13.41 -11.66
CA PHE A 46 11.82 13.28 -10.61
C PHE A 46 10.74 12.31 -11.09
N ALA A 47 10.25 11.50 -10.15
CA ALA A 47 9.18 10.56 -10.41
C ALA A 47 9.55 9.55 -11.50
N GLU A 48 10.80 9.15 -11.52
CA GLU A 48 11.23 8.05 -12.37
C GLU A 48 10.42 6.80 -12.06
N ILE A 49 9.93 6.15 -13.11
CA ILE A 49 9.20 4.90 -13.01
C ILE A 49 10.22 3.76 -13.14
N VAL A 50 10.43 3.01 -12.08
CA VAL A 50 11.54 2.05 -12.07
C VAL A 50 11.22 0.67 -12.67
N CYS A 51 9.94 0.35 -12.84
CA CYS A 51 9.57 -0.98 -13.34
C CYS A 51 8.47 -0.90 -14.39
N SER A 52 7.35 -1.57 -14.14
CA SER A 52 6.23 -1.56 -15.08
C SER A 52 5.78 -0.14 -15.35
N ASN A 53 5.28 0.13 -16.56
CA ASN A 53 4.79 1.45 -16.88
C ASN A 53 3.29 1.62 -16.66
N SER A 54 2.66 0.64 -15.99
CA SER A 54 1.24 0.71 -15.71
C SER A 54 0.93 1.39 -14.38
N LEU A 55 -0.06 2.28 -14.40
CA LEU A 55 -0.55 2.93 -13.19
C LEU A 55 -1.84 2.28 -12.68
N GLY A 56 -2.27 1.20 -13.34
CA GLY A 56 -3.43 0.44 -12.90
C GLY A 56 -4.59 0.50 -13.87
N GLY A 57 -5.53 -0.43 -13.72
CA GLY A 57 -6.72 -0.46 -14.54
C GLY A 57 -7.57 0.79 -14.41
N GLU A 58 -8.12 1.27 -15.52
CA GLU A 58 -8.86 2.52 -15.56
C GLU A 58 -10.36 2.38 -15.33
N GLY A 59 -10.87 1.17 -15.50
CA GLY A 59 -12.30 0.95 -15.48
C GLY A 59 -12.99 1.37 -14.19
N GLU A 60 -14.30 1.63 -14.29
CA GLU A 60 -15.12 2.00 -13.14
C GLU A 60 -15.31 0.83 -12.18
N THR A 61 -14.83 -0.34 -12.59
CA THR A 61 -14.85 -1.50 -11.70
C THR A 61 -13.51 -1.69 -10.99
N ASN A 62 -12.56 -0.79 -11.22
CA ASN A 62 -11.21 -0.92 -10.70
CA ASN A 62 -11.21 -0.91 -10.67
C ASN A 62 -10.94 0.10 -9.57
N ALA A 63 -10.50 -0.39 -8.41
CA ALA A 63 -10.15 0.50 -7.31
C ALA A 63 -9.09 1.52 -7.70
N LYS A 64 -8.10 1.10 -8.48
CA LYS A 64 -7.09 2.02 -8.97
C LYS A 64 -7.70 3.03 -9.95
N GLY A 65 -8.72 2.61 -10.69
CA GLY A 65 -9.43 3.51 -11.57
C GLY A 65 -10.12 4.63 -10.80
N LEU A 66 -10.72 4.29 -9.67
CA LEU A 66 -11.29 5.33 -8.81
C LEU A 66 -10.21 6.28 -8.30
N LEU A 67 -9.08 5.72 -7.83
CA LEU A 67 -8.02 6.58 -7.32
C LEU A 67 -7.47 7.51 -8.42
N GLN A 68 -7.35 6.98 -9.65
CA GLN A 68 -6.95 7.81 -10.78
C GLN A 68 -7.90 8.99 -10.98
N ALA A 69 -9.19 8.70 -10.95
CA ALA A 69 -10.21 9.73 -11.14
C ALA A 69 -10.17 10.76 -10.02
N GLU A 70 -10.00 10.30 -8.78
CA GLU A 70 -9.88 11.22 -7.65
C GLU A 70 -8.69 12.13 -7.83
N ARG A 72 -7.19 13.05 -10.61
CA ARG A 72 -7.46 14.07 -11.61
C ARG A 72 -8.27 15.20 -11.03
N ARG A 73 -9.30 14.86 -10.26
CA ARG A 73 -10.15 15.90 -9.68
C ARG A 73 -9.32 16.79 -8.76
N ALA A 74 -8.33 16.20 -8.10
CA ALA A 74 -7.45 16.95 -7.19
C ALA A 74 -6.43 17.82 -7.92
N GLY A 75 -6.25 17.62 -9.22
CA GLY A 75 -5.25 18.36 -9.97
C GLY A 75 -3.83 17.78 -9.84
N SER A 76 -3.73 16.48 -9.64
CA SER A 76 -2.46 15.78 -9.51
C SER A 76 -1.53 15.99 -10.70
N LEU A 77 -0.27 16.35 -10.41
CA LEU A 77 0.75 16.44 -11.44
C LEU A 77 1.05 15.09 -12.07
N VAL A 78 1.10 14.06 -11.23
CA VAL A 78 1.31 12.70 -11.73
C VAL A 78 0.23 12.31 -12.72
N GLU A 80 -1.62 14.41 -14.55
CA GLU A 80 -1.42 15.24 -15.74
C GLU A 80 -0.36 14.59 -16.63
N ALA A 81 0.76 14.23 -16.01
CA ALA A 81 1.86 13.62 -16.73
C ALA A 81 1.43 12.32 -17.38
N ALA A 82 0.66 11.52 -16.65
CA ALA A 82 0.20 10.24 -17.18
C ALA A 82 -0.75 10.43 -18.37
N ASP A 83 -1.66 11.38 -18.24
CA ASP A 83 -2.62 11.65 -19.31
C ASP A 83 -1.92 12.12 -20.57
N LEU A 84 -0.85 12.89 -20.42
CA LEU A 84 -0.09 13.40 -21.56
C LEU A 84 0.87 12.37 -22.14
N ALA A 85 1.30 11.41 -21.32
CA ALA A 85 2.27 10.41 -21.74
C ALA A 85 1.61 9.06 -22.00
N ARG A 86 0.29 9.05 -22.03
CA ARG A 86 -0.48 7.82 -22.21
C ARG A 86 -0.03 6.98 -23.39
N VAL A 87 0.17 5.67 -23.16
CA VAL A 87 0.43 4.69 -24.23
C VAL A 87 -0.52 3.49 -24.08
N PRO A 88 -0.77 2.76 -25.17
CA PRO A 88 -1.73 1.64 -25.10
C PRO A 88 -1.32 0.51 -24.15
N ALA A 89 -2.28 -0.03 -23.39
CA ALA A 89 -2.00 -1.08 -22.42
C ALA A 89 -3.24 -1.89 -22.01
N GLY A 90 -4.08 -2.20 -22.99
CA GLY A 90 -5.19 -3.14 -22.79
C GLY A 90 -6.13 -2.93 -21.62
N GLY A 91 -6.45 -1.68 -21.31
CA GLY A 91 -7.38 -1.39 -20.24
C GLY A 91 -6.75 -0.65 -19.06
N ALA A 92 -5.42 -0.69 -19.00
CA ALA A 92 -4.69 0.01 -17.96
C ALA A 92 -4.26 1.37 -18.45
N LEU A 93 -4.09 2.29 -17.51
CA LEU A 93 -3.42 3.55 -17.79
C LEU A 93 -1.94 3.27 -17.70
N ALA A 94 -1.25 3.39 -18.82
CA ALA A 94 0.19 3.17 -18.85
C ALA A 94 0.85 4.35 -19.55
N VAL A 95 2.13 4.55 -19.26
CA VAL A 95 2.82 5.75 -19.70
C VAL A 95 4.14 5.46 -20.41
N ASP A 96 4.50 6.37 -21.31
CA ASP A 96 5.86 6.45 -21.78
C ASP A 96 6.68 6.97 -20.61
N ARG A 97 7.57 6.16 -20.07
CA ARG A 97 8.24 6.47 -18.82
C ARG A 97 9.04 7.77 -18.89
N GLU A 98 9.76 7.97 -19.98
CA GLU A 98 10.59 9.16 -20.14
C GLU A 98 9.76 10.43 -20.31
N GLU A 99 8.66 10.35 -21.06
CA GLU A 99 7.80 11.52 -21.22
C GLU A 99 7.10 11.86 -19.90
N PHE A 100 6.74 10.84 -19.14
CA PHE A 100 6.13 10.99 -17.84
C PHE A 100 7.05 11.74 -16.87
N SER A 101 8.25 11.20 -16.66
CA SER A 101 9.15 11.79 -15.69
C SER A 101 9.70 13.13 -16.20
N GLY A 102 9.83 13.26 -17.53
CA GLY A 102 10.31 14.50 -18.11
C GLY A 102 9.37 15.65 -17.83
N TYR A 103 8.07 15.42 -18.02
CA TYR A 103 7.06 16.44 -17.78
C TYR A 103 7.04 16.86 -16.32
N ILE A 104 7.05 15.88 -15.43
CA ILE A 104 7.04 16.15 -14.00
C ILE A 104 8.27 16.96 -13.58
N THR A 105 9.42 16.55 -14.08
CA THR A 105 10.67 17.22 -13.74
C THR A 105 10.68 18.66 -14.24
N GLU A 106 10.20 18.87 -15.46
CA GLU A 106 10.13 20.22 -16.02
C GLU A 106 9.17 21.13 -15.25
N ARG A 107 7.98 20.62 -14.93
CA ARG A 107 6.99 21.45 -14.24
C ARG A 107 7.48 21.86 -12.85
N LEU A 108 8.07 20.91 -12.13
CA LEU A 108 8.60 21.20 -10.81
C LEU A 108 9.81 22.14 -10.87
N THR A 109 10.80 21.78 -11.67
CA THR A 109 12.04 22.53 -11.73
C THR A 109 11.80 23.98 -12.14
N GLY A 110 10.81 24.20 -13.00
CA GLY A 110 10.50 25.53 -13.48
C GLY A 110 9.66 26.41 -12.57
N HIS A 111 9.19 25.85 -11.45
CA HIS A 111 8.36 26.63 -10.53
C HIS A 111 9.20 27.61 -9.72
N PRO A 112 8.76 28.89 -9.64
N PRO A 112 8.77 28.89 -9.66
CA PRO A 112 9.53 29.92 -8.95
CA PRO A 112 9.56 29.91 -8.96
C PRO A 112 9.75 29.65 -7.46
C PRO A 112 9.73 29.68 -7.46
N LEU A 113 8.89 28.83 -6.87
CA LEU A 113 8.96 28.58 -5.43
C LEU A 113 9.65 27.28 -5.05
N LEU A 114 10.21 26.57 -6.03
CA LEU A 114 10.89 25.30 -5.77
C LEU A 114 12.40 25.42 -5.84
N GLU A 115 13.06 25.05 -4.74
CA GLU A 115 14.51 24.86 -4.71
C GLU A 115 14.80 23.36 -4.67
N VAL A 116 15.66 22.91 -5.59
CA VAL A 116 16.10 21.53 -5.61
C VAL A 116 17.47 21.43 -4.98
N VAL A 117 17.63 20.49 -4.05
CA VAL A 117 18.91 20.23 -3.42
C VAL A 117 19.31 18.79 -3.74
N ARG A 118 20.41 18.65 -4.49
CA ARG A 118 20.87 17.32 -4.86
C ARG A 118 21.81 16.82 -3.78
N GLU A 119 21.24 16.16 -2.78
CA GLU A 119 22.01 15.62 -1.69
C GLU A 119 21.22 14.52 -1.00
N GLU A 120 21.94 13.64 -0.32
CA GLU A 120 21.31 12.64 0.52
C GLU A 120 21.01 13.26 1.88
N VAL A 121 19.76 13.16 2.31
CA VAL A 121 19.37 13.60 3.65
C VAL A 121 19.64 12.46 4.62
N ARG A 122 20.46 12.72 5.63
CA ARG A 122 20.91 11.67 6.52
C ARG A 122 20.31 11.75 7.92
N GLU A 123 19.64 12.87 8.22
CA GLU A 123 18.99 13.06 9.50
C GLU A 123 17.64 13.68 9.22
N ILE A 124 16.69 13.48 10.11
CA ILE A 124 15.37 14.07 9.93
C ILE A 124 15.49 15.58 9.99
N PRO A 125 15.13 16.27 8.89
CA PRO A 125 15.21 17.73 8.88
C PRO A 125 14.29 18.36 9.93
N PRO A 126 14.70 19.52 10.46
CA PRO A 126 13.80 20.26 11.35
C PRO A 126 12.75 21.04 10.54
N GLY A 127 11.74 21.51 11.23
CA GLY A 127 10.70 22.29 10.58
C GLY A 127 9.72 21.41 9.82
N ILE A 128 8.76 22.05 9.18
CA ILE A 128 7.75 21.31 8.44
C ILE A 128 8.41 20.52 7.32
N THR A 129 8.17 19.21 7.30
CA THR A 129 8.93 18.29 6.45
C THR A 129 8.07 17.10 6.06
N VAL A 130 8.12 16.74 4.78
CA VAL A 130 7.52 15.52 4.27
C VAL A 130 8.63 14.54 3.89
N LEU A 131 8.58 13.33 4.44
CA LEU A 131 9.52 12.27 4.10
C LEU A 131 8.90 11.34 3.07
N ALA A 132 9.58 11.17 1.95
CA ALA A 132 9.03 10.42 0.81
C ALA A 132 10.14 9.66 0.08
N THR A 133 10.91 8.88 0.84
CA THR A 133 12.16 8.32 0.35
C THR A 133 12.04 6.91 -0.24
N GLY A 134 10.84 6.33 -0.19
CA GLY A 134 10.54 5.16 -0.99
C GLY A 134 11.03 3.83 -0.45
N PRO A 135 10.82 2.78 -1.25
CA PRO A 135 11.21 1.42 -0.83
C PRO A 135 12.70 1.27 -0.63
N LEU A 136 13.50 2.12 -1.26
CA LEU A 136 14.96 2.05 -1.16
C LEU A 136 15.48 3.31 -0.46
N THR A 137 14.73 3.76 0.52
CA THR A 137 15.15 4.81 1.45
C THR A 137 16.61 4.57 1.84
N SER A 138 17.43 5.61 1.82
CA SER A 138 18.85 5.43 2.11
C SER A 138 19.04 4.90 3.53
N GLU A 139 20.11 4.13 3.70
CA GLU A 139 20.40 3.51 4.97
C GLU A 139 20.49 4.53 6.10
N ALA A 140 21.15 5.66 5.84
CA ALA A 140 21.33 6.68 6.88
C ALA A 140 19.99 7.22 7.38
N LEU A 141 19.06 7.49 6.46
CA LEU A 141 17.79 8.03 6.89
C LEU A 141 16.96 6.97 7.61
N ALA A 142 17.03 5.72 7.13
CA ALA A 142 16.35 4.64 7.83
C ALA A 142 16.87 4.53 9.28
N GLU A 143 18.18 4.63 9.45
CA GLU A 143 18.76 4.59 10.79
C GLU A 143 18.25 5.75 11.65
N ALA A 144 18.14 6.93 11.05
CA ALA A 144 17.64 8.10 11.77
C ALA A 144 16.18 7.89 12.21
N LEU A 145 15.37 7.29 11.34
CA LEU A 145 13.98 7.01 11.68
C LEU A 145 13.87 5.99 12.80
N LYS A 146 14.70 4.95 12.75
CA LYS A 146 14.71 3.96 13.83
C LYS A 146 15.12 4.59 15.16
N ARG A 147 16.11 5.47 15.13
CA ARG A 147 16.56 6.14 16.35
C ARG A 147 15.43 6.97 16.97
N ARG A 148 14.71 7.70 16.13
CA ARG A 148 13.70 8.63 16.61
C ARG A 148 12.41 7.92 17.03
N PHE A 149 12.00 6.91 16.26
CA PHE A 149 10.68 6.31 16.47
C PHE A 149 10.68 4.87 16.97
N GLY A 150 11.83 4.21 16.94
CA GLY A 150 11.95 2.85 17.45
C GLY A 150 12.35 1.85 16.38
N ASP A 151 13.32 1.01 16.70
CA ASP A 151 13.84 0.03 15.75
C ASP A 151 12.75 -0.86 15.19
N HIS A 152 11.77 -1.20 16.02
CA HIS A 152 10.75 -2.16 15.63
C HIS A 152 9.66 -1.58 14.74
N PHE A 153 9.71 -0.27 14.51
CA PHE A 153 8.66 0.40 13.76
C PHE A 153 9.06 0.77 12.33
N LEU A 154 10.21 0.28 11.89
CA LEU A 154 10.62 0.36 10.50
C LEU A 154 11.01 -1.03 10.04
N ALA A 155 10.49 -1.45 8.89
CA ALA A 155 10.80 -2.75 8.31
C ALA A 155 11.60 -2.54 7.03
N TYR A 156 12.38 -3.56 6.66
CA TYR A 156 13.21 -3.52 5.45
C TYR A 156 12.67 -4.41 4.34
N TYR A 157 11.69 -5.24 4.65
CA TYR A 157 11.04 -6.08 3.64
C TYR A 157 9.57 -6.23 4.03
N ASP A 158 8.75 -6.40 3.01
N ASP A 158 8.72 -6.61 3.09
CA ASP A 158 7.41 -6.87 3.25
CA ASP A 158 7.28 -6.72 3.41
C ASP A 158 7.50 -8.37 3.07
C ASP A 158 6.72 -8.11 3.80
N ALA A 159 6.56 -9.05 3.67
N ALA A 159 6.93 -9.12 2.97
CA ALA A 159 6.41 -10.48 3.47
CA ALA A 159 6.49 -10.48 3.31
C ALA A 159 4.92 -10.66 3.61
C ALA A 159 4.99 -10.53 3.63
N ALA A 160 4.19 -9.98 2.74
CA ALA A 160 2.75 -9.95 2.89
C ALA A 160 2.11 -11.27 2.46
N SER A 161 1.10 -11.67 3.21
CA SER A 161 0.27 -12.77 2.79
CA SER A 161 0.21 -12.77 2.85
C SER A 161 -0.98 -12.22 2.10
N PRO A 162 -1.70 -13.09 1.38
CA PRO A 162 -2.92 -12.62 0.72
C PRO A 162 -4.01 -12.22 1.72
N ILE A 163 -4.83 -11.25 1.32
CA ILE A 163 -5.95 -10.77 2.12
C ILE A 163 -7.22 -10.97 1.32
N VAL A 164 -8.24 -11.53 1.96
CA VAL A 164 -9.53 -11.78 1.32
C VAL A 164 -10.61 -10.92 1.95
N LEU A 165 -11.67 -10.70 1.18
CA LEU A 165 -12.84 -10.00 1.66
C LEU A 165 -13.67 -10.92 2.54
N TYR A 166 -13.97 -10.47 3.76
CA TYR A 166 -14.67 -11.31 4.73
C TYR A 166 -15.97 -11.90 4.18
N GLU A 167 -16.76 -11.09 3.50
CA GLU A 167 -18.05 -11.53 3.01
C GLU A 167 -17.94 -12.65 1.98
N SER A 168 -16.74 -12.85 1.43
CA SER A 168 -16.54 -13.88 0.41
C SER A 168 -16.16 -15.23 1.01
N ILE A 169 -15.99 -15.28 2.34
CA ILE A 169 -15.67 -16.51 3.02
C ILE A 169 -16.94 -17.33 3.31
N ASP A 170 -16.88 -18.62 3.06
CA ASP A 170 -17.96 -19.54 3.42
C ASP A 170 -17.75 -19.97 4.86
N LEU A 171 -18.45 -19.31 5.77
CA LEU A 171 -18.24 -19.51 7.20
C LEU A 171 -18.65 -20.90 7.68
N THR A 172 -19.41 -21.63 6.88
CA THR A 172 -19.83 -22.97 7.29
C THR A 172 -18.66 -23.95 7.26
N LYS A 173 -17.52 -23.51 6.72
CA LYS A 173 -16.35 -24.37 6.63
C LYS A 173 -15.20 -23.86 7.51
N CYS A 174 -15.52 -22.94 8.41
CA CYS A 174 -14.53 -22.42 9.33
C CYS A 174 -15.04 -22.42 10.77
N PHE A 175 -14.12 -22.22 11.70
CA PHE A 175 -14.50 -22.00 13.09
C PHE A 175 -13.63 -20.90 13.71
N ARG A 176 -14.24 -20.04 14.52
CA ARG A 176 -13.52 -18.99 15.22
C ARG A 176 -12.92 -19.56 16.49
N ALA A 177 -11.61 -19.41 16.64
CA ALA A 177 -10.94 -19.86 17.85
C ALA A 177 -9.52 -19.35 17.89
N GLY A 178 -9.05 -19.11 19.11
CA GLY A 178 -7.64 -18.93 19.35
C GLY A 178 -7.17 -20.26 19.87
N ARG A 179 -5.88 -20.53 19.74
CA ARG A 179 -5.33 -21.77 20.25
C ARG A 179 -5.51 -21.83 21.77
N TYR A 180 -5.78 -23.03 22.28
CA TYR A 180 -5.94 -23.23 23.72
C TYR A 180 -7.00 -22.32 24.31
N TYR A 186 -9.13 -15.68 15.68
CA TYR A 186 -8.77 -16.16 14.35
C TYR A 186 -9.90 -16.98 13.75
N LEU A 187 -10.01 -16.92 12.43
CA LEU A 187 -10.85 -17.85 11.69
C LEU A 187 -9.96 -19.01 11.26
N ASN A 188 -10.44 -20.23 11.50
CA ASN A 188 -9.67 -21.42 11.19
C ASN A 188 -10.38 -22.24 10.13
N CYS A 189 -9.65 -22.57 9.06
CA CYS A 189 -10.19 -23.37 7.96
C CYS A 189 -9.56 -24.76 8.04
N PRO A 190 -10.26 -25.73 8.66
CA PRO A 190 -9.66 -27.06 8.80
C PRO A 190 -9.64 -27.85 7.50
N THR A 192 -8.52 -31.85 5.72
CA THR A 192 -8.16 -33.25 5.91
C THR A 192 -6.77 -33.48 5.35
N GLU A 193 -6.22 -34.66 5.63
CA GLU A 193 -4.93 -35.04 5.07
C GLU A 193 -4.94 -35.02 3.54
N GLU A 194 -6.02 -35.50 2.91
CA GLU A 194 -6.08 -35.48 1.45
C GLU A 194 -6.14 -34.05 0.90
N GLU A 195 -6.88 -33.18 1.56
CA GLU A 195 -6.94 -31.80 1.12
C GLU A 195 -5.58 -31.12 1.28
N TYR A 196 -4.89 -31.43 2.38
CA TYR A 196 -3.54 -30.92 2.57
C TYR A 196 -2.61 -31.41 1.47
N ARG A 197 -2.68 -32.70 1.17
CA ARG A 197 -1.81 -33.27 0.14
C ARG A 197 -2.00 -32.59 -1.23
N ARG A 198 -3.25 -32.36 -1.63
CA ARG A 198 -3.55 -31.66 -2.88
C ARG A 198 -2.94 -30.26 -2.87
N PHE A 199 -3.14 -29.55 -1.76
CA PHE A 199 -2.68 -28.18 -1.60
C PHE A 199 -1.14 -28.12 -1.63
N HIS A 200 -0.51 -29.00 -0.88
CA HIS A 200 0.94 -29.06 -0.82
C HIS A 200 1.53 -29.35 -2.21
N GLN A 201 0.95 -30.31 -2.92
CA GLN A 201 1.40 -30.62 -4.27
C GLN A 201 1.26 -29.43 -5.21
N ALA A 202 0.14 -28.72 -5.10
CA ALA A 202 -0.08 -27.55 -5.94
C ALA A 202 0.95 -26.46 -5.67
N LEU A 203 1.36 -26.31 -4.41
CA LEU A 203 2.38 -25.32 -4.05
C LEU A 203 3.72 -25.64 -4.69
N LEU A 204 4.04 -26.92 -4.80
CA LEU A 204 5.33 -27.33 -5.34
C LEU A 204 5.52 -26.81 -6.77
N GLU A 205 4.44 -26.79 -7.54
CA GLU A 205 4.53 -26.50 -8.96
C GLU A 205 4.11 -25.09 -9.37
N ALA A 206 3.48 -24.38 -8.45
CA ALA A 206 2.93 -23.06 -8.75
C ALA A 206 3.99 -22.08 -9.26
N GLN A 207 3.61 -21.25 -10.24
CA GLN A 207 4.52 -20.26 -10.80
C GLN A 207 4.78 -19.12 -9.81
N ARG A 208 6.05 -18.75 -9.67
CA ARG A 208 6.43 -17.71 -8.73
C ARG A 208 7.28 -16.63 -9.40
N HIS A 209 7.25 -15.43 -8.82
CA HIS A 209 8.07 -14.33 -9.31
C HIS A 209 9.53 -14.56 -8.96
N THR A 210 10.43 -13.99 -9.75
CA THR A 210 11.86 -14.07 -9.49
C THR A 210 12.33 -12.78 -8.84
N PRO A 211 13.09 -12.89 -7.73
CA PRO A 211 13.63 -11.75 -7.00
C PRO A 211 14.54 -10.89 -7.87
N HIS A 212 14.61 -9.60 -7.57
CA HIS A 212 15.52 -8.69 -8.27
C HIS A 212 16.95 -8.97 -7.83
N PHE A 220 15.94 -11.89 3.76
CA PHE A 220 14.67 -12.21 4.41
C PHE A 220 14.90 -13.24 5.49
N GLU A 221 16.17 -13.61 5.63
CA GLU A 221 16.52 -15.03 5.75
C GLU A 221 15.79 -16.05 6.65
N ALA A 222 15.19 -15.65 7.77
CA ALA A 222 14.36 -16.62 8.50
C ALA A 222 12.88 -16.60 8.09
N CYS A 223 12.53 -15.62 7.26
CA CYS A 223 11.19 -15.52 6.70
C CYS A 223 11.16 -16.24 5.35
N VAL A 224 10.54 -17.40 5.31
CA VAL A 224 10.58 -18.25 4.12
C VAL A 224 9.20 -18.28 3.45
N PRO A 225 9.15 -18.02 2.15
CA PRO A 225 7.87 -18.05 1.43
C PRO A 225 7.20 -19.42 1.58
N VAL A 226 5.87 -19.45 1.68
CA VAL A 226 5.18 -20.73 1.90
C VAL A 226 5.45 -21.74 0.80
N GLU A 227 5.59 -21.27 -0.43
CA GLU A 227 5.85 -22.17 -1.55
C GLU A 227 7.23 -22.81 -1.40
N GLU A 228 8.16 -22.10 -0.77
CA GLU A 228 9.48 -22.65 -0.50
C GLU A 228 9.45 -23.61 0.69
N LEU A 229 8.66 -23.29 1.72
CA LEU A 229 8.45 -24.24 2.81
C LEU A 229 7.92 -25.56 2.26
N ALA A 230 6.98 -25.49 1.33
CA ALA A 230 6.45 -26.69 0.70
C ALA A 230 7.56 -27.52 0.06
N ARG A 231 8.46 -26.84 -0.65
CA ARG A 231 9.54 -27.54 -1.34
C ARG A 231 10.53 -28.17 -0.37
N ARG A 232 10.59 -27.65 0.85
CA ARG A 232 11.54 -28.16 1.83
C ARG A 232 11.01 -29.41 2.55
N GLY A 233 9.78 -29.81 2.23
CA GLY A 233 9.26 -31.08 2.70
C GLY A 233 7.78 -31.09 3.08
N TYR A 234 7.16 -32.26 2.94
CA TYR A 234 5.77 -32.48 3.31
C TYR A 234 5.44 -32.01 4.73
N GLN A 235 6.36 -32.21 5.67
CA GLN A 235 6.08 -31.88 7.06
C GLN A 235 6.10 -30.40 7.38
N THR A 236 6.79 -29.64 6.55
CA THR A 236 7.16 -28.27 6.88
C THR A 236 5.95 -27.38 7.18
N LEU A 237 4.97 -27.35 6.30
CA LEU A 237 3.80 -26.52 6.52
C LEU A 237 3.01 -26.95 7.76
N LEU A 238 3.05 -28.25 8.05
CA LEU A 238 2.33 -28.81 9.19
C LEU A 238 2.97 -28.43 10.52
N PHE A 239 4.29 -28.22 10.50
CA PHE A 239 4.98 -27.71 11.69
C PHE A 239 4.79 -26.20 11.81
N GLY A 240 4.52 -25.55 10.67
CA GLY A 240 4.48 -24.11 10.57
C GLY A 240 3.08 -23.51 10.52
N PRO A 241 2.76 -22.77 9.44
CA PRO A 241 1.56 -21.95 9.48
C PRO A 241 0.27 -22.75 9.41
N LYS A 243 -0.22 -25.57 11.19
CA LYS A 243 -0.31 -26.42 12.38
C LYS A 243 -1.66 -26.28 13.09
N PRO A 244 -2.21 -27.38 13.60
CA PRO A 244 -3.51 -27.36 14.27
C PRO A 244 -3.41 -27.28 15.79
N VAL A 245 -2.20 -27.03 16.30
CA VAL A 245 -1.91 -27.04 17.73
C VAL A 245 -2.89 -26.19 18.53
N GLY A 246 -3.53 -26.80 19.53
CA GLY A 246 -4.41 -26.08 20.42
C GLY A 246 -5.79 -25.77 19.87
N LEU A 247 -6.12 -26.32 18.71
CA LEU A 247 -7.43 -26.09 18.09
C LEU A 247 -8.28 -27.36 18.13
N VAL A 248 -9.59 -27.17 18.31
CA VAL A 248 -10.53 -28.26 18.26
C VAL A 248 -11.59 -27.91 17.24
N ASP A 249 -11.73 -28.75 16.22
CA ASP A 249 -12.73 -28.55 15.18
C ASP A 249 -14.09 -28.94 15.77
N PRO A 250 -15.03 -27.98 15.85
CA PRO A 250 -16.33 -28.31 16.46
C PRO A 250 -17.06 -29.43 15.73
N ARG A 251 -16.74 -29.63 14.46
CA ARG A 251 -17.42 -30.65 13.69
C ARG A 251 -16.97 -32.06 14.06
N THR A 252 -15.71 -32.21 14.47
CA THR A 252 -15.20 -33.54 14.78
C THR A 252 -14.97 -33.72 16.29
N GLY A 253 -14.91 -32.62 17.01
CA GLY A 253 -14.56 -32.65 18.42
C GLY A 253 -13.10 -33.00 18.66
N LYS A 254 -12.29 -32.91 17.61
CA LYS A 254 -10.88 -33.26 17.71
C LYS A 254 -10.00 -32.23 17.02
N GLU A 255 -8.71 -32.32 17.28
CA GLU A 255 -7.73 -31.52 16.57
C GLU A 255 -7.89 -31.75 15.08
N PRO A 256 -7.93 -30.68 14.28
CA PRO A 256 -7.93 -30.81 12.81
CA PRO A 256 -7.95 -30.89 12.83
C PRO A 256 -6.60 -31.38 12.34
N PHE A 257 -6.58 -31.98 11.15
CA PHE A 257 -5.31 -32.42 10.59
C PHE A 257 -4.40 -31.21 10.30
N ALA A 258 -4.96 -30.20 9.64
CA ALA A 258 -4.24 -28.97 9.33
C ALA A 258 -5.27 -27.86 9.23
N VAL A 259 -4.80 -26.62 9.36
CA VAL A 259 -5.67 -25.46 9.19
C VAL A 259 -4.96 -24.38 8.42
N VAL A 260 -5.75 -23.51 7.79
CA VAL A 260 -5.28 -22.19 7.41
C VAL A 260 -6.00 -21.22 8.33
N GLN A 261 -5.24 -20.34 8.98
CA GLN A 261 -5.83 -19.34 9.85
C GLN A 261 -5.95 -18.01 9.13
N LEU A 262 -7.00 -17.26 9.46
CA LEU A 262 -7.15 -15.91 8.96
C LEU A 262 -7.29 -14.95 10.12
N ARG A 263 -6.73 -13.76 9.96
CA ARG A 263 -6.83 -12.75 11.00
C ARG A 263 -7.36 -11.44 10.44
N GLN A 264 -8.06 -10.70 11.28
CA GLN A 264 -8.63 -9.42 10.89
C GLN A 264 -7.54 -8.35 10.76
N GLU A 265 -7.55 -7.63 9.63
CA GLU A 265 -6.55 -6.59 9.41
C GLU A 265 -7.10 -5.18 9.57
N ASP A 266 -8.33 -4.96 9.11
CA ASP A 266 -8.92 -3.63 9.16
C ASP A 266 -9.84 -3.48 10.36
N LYS A 267 -10.06 -2.23 10.77
CA LYS A 267 -10.96 -1.93 11.87
C LYS A 267 -12.37 -2.44 11.57
N ALA A 268 -12.81 -2.27 10.33
CA ALA A 268 -14.17 -2.65 9.93
C ALA A 268 -14.38 -4.17 9.81
N GLY A 269 -13.29 -4.92 9.72
CA GLY A 269 -13.41 -6.37 9.63
C GLY A 269 -13.78 -6.88 8.25
N ARG A 270 -13.63 -6.07 7.21
CA ARG A 270 -13.84 -6.53 5.84
C ARG A 270 -12.64 -7.30 5.27
N TRP A 272 -9.35 -9.83 5.79
CA TRP A 272 -8.73 -10.87 6.61
C TRP A 272 -7.56 -11.50 5.87
N SER A 273 -6.40 -11.55 6.52
CA SER A 273 -5.22 -12.12 5.89
C SER A 273 -5.04 -13.58 6.27
N LEU A 274 -4.40 -14.33 5.38
CA LEU A 274 -3.99 -15.69 5.67
C LEU A 274 -2.70 -15.66 6.49
N VAL A 275 -2.78 -16.16 7.73
CA VAL A 275 -1.68 -16.04 8.67
C VAL A 275 -0.51 -16.94 8.28
N GLY A 276 0.67 -16.36 8.14
CA GLY A 276 1.85 -17.14 7.83
C GLY A 276 1.97 -17.56 6.37
N PHE A 277 1.23 -16.88 5.50
CA PHE A 277 1.23 -17.20 4.07
C PHE A 277 1.97 -16.19 3.21
N GLN A 278 3.04 -15.63 3.76
CA GLN A 278 3.95 -14.82 2.97
C GLN A 278 4.33 -15.61 1.72
N THR A 279 4.36 -14.93 0.59
CA THR A 279 4.53 -15.62 -0.68
C THR A 279 5.05 -14.71 -1.77
N GLY A 280 5.76 -15.30 -2.72
CA GLY A 280 6.21 -14.61 -3.91
C GLY A 280 5.56 -15.17 -5.17
N LEU A 281 4.51 -15.96 -5.00
CA LEU A 281 3.82 -16.56 -6.13
C LEU A 281 3.19 -15.50 -7.03
N LYS A 282 3.09 -15.81 -8.32
CA LYS A 282 2.35 -14.95 -9.23
C LYS A 282 0.91 -14.88 -8.77
N TRP A 283 0.26 -13.75 -9.01
CA TRP A 283 -1.05 -13.52 -8.44
C TRP A 283 -2.13 -14.52 -8.90
N PRO A 284 -2.17 -14.86 -10.21
CA PRO A 284 -3.16 -15.86 -10.61
C PRO A 284 -2.95 -17.21 -9.93
N GLU A 285 -1.69 -17.54 -9.64
CA GLU A 285 -1.40 -18.77 -8.91
C GLU A 285 -1.88 -18.70 -7.47
N GLN A 286 -1.69 -17.55 -6.83
CA GLN A 286 -2.20 -17.37 -5.49
C GLN A 286 -3.70 -17.58 -5.46
N LYS A 287 -4.42 -17.01 -6.41
CA LYS A 287 -5.86 -17.17 -6.44
C LYS A 287 -6.26 -18.65 -6.57
N ARG A 288 -5.62 -19.34 -7.49
CA ARG A 288 -5.92 -20.76 -7.71
C ARG A 288 -5.68 -21.58 -6.44
N LEU A 289 -4.57 -21.30 -5.77
CA LEU A 289 -4.20 -22.01 -4.56
C LEU A 289 -5.14 -21.68 -3.40
N ILE A 290 -5.42 -20.40 -3.21
CA ILE A 290 -6.28 -19.96 -2.12
C ILE A 290 -7.65 -20.63 -2.23
N GLN A 291 -8.15 -20.77 -3.45
CA GLN A 291 -9.50 -21.29 -3.60
C GLN A 291 -9.58 -22.81 -3.41
N ILE A 293 -8.58 -23.91 -0.47
CA ILE A 293 -8.70 -23.97 0.98
C ILE A 293 -10.17 -23.99 1.36
N PRO A 294 -10.60 -24.96 2.17
CA PRO A 294 -12.01 -25.00 2.58
C PRO A 294 -12.45 -23.68 3.19
N GLY A 295 -13.58 -23.18 2.71
CA GLY A 295 -14.08 -21.87 3.13
C GLY A 295 -13.73 -20.76 2.16
N LEU A 296 -12.66 -20.95 1.39
CA LEU A 296 -12.15 -19.91 0.51
C LEU A 296 -12.38 -20.23 -0.97
N GLU A 297 -13.24 -21.20 -1.26
CA GLU A 297 -13.45 -21.63 -2.64
C GLU A 297 -13.89 -20.49 -3.57
N ASN A 298 -14.61 -19.52 -3.02
CA ASN A 298 -15.05 -18.37 -3.79
C ASN A 298 -14.54 -17.06 -3.20
N ALA A 299 -13.42 -17.13 -2.51
CA ALA A 299 -12.85 -15.95 -1.87
C ALA A 299 -12.47 -14.89 -2.88
N GLU A 300 -12.71 -13.63 -2.52
CA GLU A 300 -12.27 -12.49 -3.31
C GLU A 300 -10.99 -11.96 -2.66
N ILE A 301 -9.89 -12.07 -3.39
CA ILE A 301 -8.60 -11.61 -2.89
C ILE A 301 -8.48 -10.13 -3.20
N VAL A 302 -8.35 -9.32 -2.16
CA VAL A 302 -8.25 -7.88 -2.34
C VAL A 302 -6.81 -7.36 -2.29
N ARG A 303 -5.89 -8.14 -1.71
CA ARG A 303 -4.50 -7.74 -1.70
C ARG A 303 -3.67 -9.02 -1.80
N TYR A 304 -2.88 -9.15 -2.86
CA TYR A 304 -2.09 -10.36 -3.06
C TYR A 304 -0.80 -10.35 -2.24
N GLY A 305 -0.30 -11.53 -1.89
CA GLY A 305 0.94 -11.63 -1.14
C GLY A 305 2.14 -11.26 -1.99
N VAL A 306 3.17 -10.71 -1.34
CA VAL A 306 4.41 -10.34 -1.99
C VAL A 306 5.57 -10.48 -1.03
N HIS A 308 9.33 -8.77 -0.98
CA HIS A 308 10.45 -8.04 -1.54
C HIS A 308 11.08 -7.04 -0.59
N ARG A 309 12.26 -6.60 -1.00
CA ARG A 309 12.96 -5.51 -0.34
C ARG A 309 12.10 -4.26 -0.43
N ASN A 310 11.82 -3.67 0.73
CA ASN A 310 10.84 -2.58 0.82
C ASN A 310 10.92 -1.95 2.19
N THR A 311 11.55 -0.79 2.28
CA THR A 311 11.60 -0.05 3.54
C THR A 311 10.30 0.70 3.76
N TYR A 312 9.70 0.51 4.93
CA TYR A 312 8.47 1.20 5.27
C TYR A 312 8.26 1.27 6.77
N LEU A 313 7.44 2.23 7.17
CA LEU A 313 7.09 2.46 8.56
C LEU A 313 5.84 1.73 9.01
N ASN A 314 5.75 1.48 10.31
CA ASN A 314 4.53 0.97 10.89
C ASN A 314 3.54 2.11 11.01
N ALA A 315 2.76 2.29 9.95
CA ALA A 315 1.84 3.40 9.88
C ALA A 315 0.83 3.42 11.04
N PRO A 316 0.22 2.27 11.37
CA PRO A 316 -0.78 2.36 12.44
C PRO A 316 -0.18 2.81 13.77
N ARG A 317 1.07 2.48 14.03
CA ARG A 317 1.71 2.90 15.27
C ARG A 317 2.20 4.35 15.22
N LEU A 318 2.56 4.83 14.04
CA LEU A 318 3.27 6.10 13.92
C LEU A 318 2.51 7.27 13.29
N LEU A 319 1.55 6.97 12.40
CA LEU A 319 0.92 7.99 11.57
C LEU A 319 -0.57 8.13 11.81
N GLY A 320 -1.06 9.36 11.71
CA GLY A 320 -2.49 9.60 11.62
C GLY A 320 -2.98 9.47 10.18
N GLU A 321 -4.29 9.50 9.99
CA GLU A 321 -4.88 9.42 8.65
C GLU A 321 -4.53 10.64 7.80
N THR A 322 -4.05 11.69 8.48
CA THR A 322 -3.55 12.91 7.85
C THR A 322 -2.14 12.74 7.28
N LEU A 323 -1.50 11.61 7.61
CA LEU A 323 -0.11 11.29 7.27
C LEU A 323 0.92 12.06 8.11
N GLU A 324 0.43 12.81 9.09
CA GLU A 324 1.30 13.45 10.07
C GLU A 324 1.70 12.43 11.14
N PHE A 325 2.96 12.46 11.54
CA PHE A 325 3.41 11.62 12.64
C PHE A 325 2.70 12.02 13.92
N ARG A 326 2.17 11.02 14.61
CA ARG A 326 1.43 11.24 15.85
C ARG A 326 2.27 11.94 16.90
N GLU A 327 3.58 11.64 16.92
CA GLU A 327 4.47 12.17 17.95
C GLU A 327 5.54 13.11 17.38
N ALA A 328 5.31 13.61 16.17
CA ALA A 328 6.22 14.59 15.58
C ALA A 328 5.41 15.57 14.74
N GLU A 329 4.94 16.62 15.39
CA GLU A 329 4.12 17.61 14.72
C GLU A 329 4.85 18.22 13.53
N GLY A 330 4.16 18.35 12.40
CA GLY A 330 4.73 18.96 11.23
C GLY A 330 5.70 18.07 10.47
N LEU A 331 5.77 16.80 10.85
CA LEU A 331 6.51 15.80 10.08
C LEU A 331 5.48 14.85 9.47
N TYR A 332 5.66 14.52 8.20
CA TYR A 332 4.72 13.68 7.45
C TYR A 332 5.48 12.60 6.72
N ALA A 333 4.80 11.50 6.42
CA ALA A 333 5.35 10.48 5.54
C ALA A 333 4.40 10.26 4.36
N ALA A 334 4.97 9.94 3.21
CA ALA A 334 4.18 9.63 2.03
C ALA A 334 4.86 8.56 1.21
N GLY A 335 4.09 7.93 0.33
CA GLY A 335 4.63 6.91 -0.54
C GLY A 335 4.89 5.61 0.20
N VAL A 336 5.75 4.79 -0.37
CA VAL A 336 6.06 3.49 0.22
C VAL A 336 6.54 3.63 1.68
N LEU A 337 7.30 4.68 1.97
CA LEU A 337 7.76 4.87 3.34
C LEU A 337 6.58 4.89 4.33
N ALA A 338 5.45 5.45 3.91
CA ALA A 338 4.26 5.54 4.76
C ALA A 338 3.44 4.26 4.83
N GLY A 339 3.82 3.23 4.07
CA GLY A 339 3.10 1.97 4.14
C GLY A 339 2.15 1.67 3.00
N VAL A 340 2.23 2.42 1.90
CA VAL A 340 1.46 2.08 0.71
C VAL A 340 2.35 1.39 -0.31
N GLU A 341 1.71 0.89 -1.36
CA GLU A 341 2.37 0.23 -2.46
C GLU A 341 1.69 0.70 -3.74
N GLY A 342 2.49 1.05 -4.74
CA GLY A 342 1.98 1.40 -6.06
C GLY A 342 2.34 2.84 -6.43
N TYR A 343 2.61 3.07 -7.72
CA TYR A 343 2.97 4.41 -8.16
C TYR A 343 1.88 5.43 -7.81
N LEU A 344 0.65 5.08 -8.12
CA LEU A 344 -0.48 5.97 -7.92
C LEU A 344 -0.76 6.21 -6.44
N GLU A 345 -0.76 5.14 -5.66
CA GLU A 345 -0.96 5.25 -4.22
C GLU A 345 0.12 6.14 -3.61
N SER A 346 1.34 6.01 -4.12
CA SER A 346 2.42 6.84 -3.62
C SER A 346 2.18 8.31 -3.97
N ALA A 347 1.85 8.60 -5.22
CA ALA A 347 1.52 9.96 -5.60
C ALA A 347 0.35 10.52 -4.77
N ALA A 348 -0.67 9.70 -4.55
CA ALA A 348 -1.87 10.16 -3.87
C ALA A 348 -1.60 10.49 -2.39
N THR A 349 -0.82 9.65 -1.72
CA THR A 349 -0.41 9.99 -0.37
C THR A 349 0.51 11.21 -0.37
N GLY A 350 1.33 11.37 -1.41
CA GLY A 350 2.11 12.59 -1.55
C GLY A 350 1.23 13.84 -1.61
N PHE A 351 0.16 13.76 -2.39
CA PHE A 351 -0.81 14.85 -2.44
C PHE A 351 -1.31 15.21 -1.05
N LEU A 352 -1.74 14.20 -0.29
CA LEU A 352 -2.33 14.48 1.02
C LEU A 352 -1.31 15.02 2.01
N ALA A 353 -0.12 14.43 2.02
CA ALA A 353 0.94 14.92 2.91
C ALA A 353 1.33 16.35 2.56
N GLY A 354 1.46 16.63 1.28
CA GLY A 354 1.77 17.98 0.84
C GLY A 354 0.68 18.96 1.20
N LEU A 355 -0.58 18.54 1.05
CA LEU A 355 -1.71 19.38 1.41
C LEU A 355 -1.67 19.72 2.90
N ASN A 356 -1.44 18.72 3.73
CA ASN A 356 -1.42 18.97 5.16
C ASN A 356 -0.21 19.75 5.63
N ALA A 357 0.94 19.52 5.00
CA ALA A 357 2.14 20.31 5.28
C ALA A 357 1.91 21.78 4.88
N ALA A 358 1.27 21.99 3.73
CA ALA A 358 0.97 23.34 3.27
C ALA A 358 0.03 24.01 4.26
N ARG A 359 -1.00 23.29 4.67
CA ARG A 359 -1.93 23.83 5.65
C ARG A 359 -1.24 24.18 6.97
N LYS A 360 -0.33 23.32 7.41
CA LYS A 360 0.46 23.58 8.62
C LYS A 360 1.26 24.88 8.50
N ALA A 361 1.86 25.06 7.33
CA ALA A 361 2.65 26.26 7.04
C ALA A 361 1.76 27.51 7.11
N LEU A 362 0.47 27.34 6.82
CA LEU A 362 -0.52 28.40 6.82
C LEU A 362 -1.24 28.53 8.17
N GLY A 363 -0.83 27.70 9.13
CA GLY A 363 -1.42 27.73 10.46
C GLY A 363 -2.79 27.07 10.56
N LEU A 364 -3.07 26.15 9.63
CA LEU A 364 -4.38 25.52 9.56
C LEU A 364 -4.30 24.03 9.91
N PRO A 365 -5.36 23.50 10.50
CA PRO A 365 -5.38 22.09 10.90
C PRO A 365 -5.44 21.14 9.71
N PRO A 366 -4.96 19.90 9.89
CA PRO A 366 -4.93 18.95 8.77
C PRO A 366 -6.31 18.39 8.43
N VAL A 367 -6.38 17.81 7.24
CA VAL A 367 -7.61 17.22 6.73
C VAL A 367 -7.33 15.81 6.21
N ALA A 368 -8.40 15.05 5.95
CA ALA A 368 -8.27 13.74 5.33
C ALA A 368 -9.56 13.44 4.60
N PRO A 369 -9.46 12.84 3.41
CA PRO A 369 -10.68 12.58 2.63
C PRO A 369 -11.52 11.49 3.27
N PRO A 370 -12.79 11.41 2.86
CA PRO A 370 -13.74 10.52 3.54
C PRO A 370 -13.54 9.04 3.21
N GLU A 371 -14.08 8.18 4.07
CA GLU A 371 -13.93 6.72 3.95
C GLU A 371 -14.44 6.15 2.62
N GLU A 372 -15.41 6.83 2.00
CA GLU A 372 -15.97 6.37 0.73
C GLU A 372 -15.03 6.58 -0.44
N SER A 373 -14.10 7.52 -0.31
CA SER A 373 -13.14 7.75 -1.37
C SER A 373 -12.02 6.74 -1.25
N LEU A 375 -8.73 7.29 -1.78
CA LEU A 375 -7.62 7.85 -1.01
C LEU A 375 -7.96 7.85 0.47
N GLY A 376 -9.19 8.22 0.81
CA GLY A 376 -9.62 8.21 2.20
C GLY A 376 -9.59 6.83 2.81
N GLY A 377 -10.08 5.85 2.07
CA GLY A 377 -10.03 4.48 2.56
C GLY A 377 -8.60 4.03 2.79
N LEU A 378 -7.71 4.40 1.88
CA LEU A 378 -6.32 3.99 2.00
C LEU A 378 -5.64 4.60 3.25
N VAL A 379 -5.76 5.91 3.44
CA VAL A 379 -5.08 6.52 4.56
C VAL A 379 -5.72 6.18 5.89
N ARG A 380 -7.03 5.96 5.88
CA ARG A 380 -7.69 5.55 7.10
C ARG A 380 -7.28 4.12 7.51
N TYR A 381 -7.03 3.27 6.52
CA TYR A 381 -6.46 1.94 6.77
C TYR A 381 -5.05 2.07 7.37
N LEU A 382 -4.21 2.91 6.79
CA LEU A 382 -2.86 3.11 7.31
C LEU A 382 -2.88 3.45 8.80
N ALA A 383 -3.84 4.28 9.19
CA ALA A 383 -3.88 4.79 10.55
C ALA A 383 -4.50 3.81 11.53
N THR A 384 -5.33 2.87 11.04
CA THR A 384 -6.14 2.05 11.93
C THR A 384 -5.98 0.54 11.76
N ALA A 385 -5.13 0.11 10.83
CA ALA A 385 -4.96 -1.32 10.60
C ALA A 385 -4.28 -1.99 11.78
N ASN A 386 -4.36 -3.32 11.79
CA ASN A 386 -3.65 -4.13 12.78
C ASN A 386 -2.15 -3.79 12.77
N PRO A 387 -1.62 -3.32 13.91
CA PRO A 387 -0.21 -2.88 13.91
C PRO A 387 0.80 -4.02 14.00
N GLU A 388 0.35 -5.16 14.49
CA GLU A 388 1.26 -6.28 14.70
C GLU A 388 1.61 -6.93 13.37
N GLY A 389 2.87 -6.81 12.97
CA GLY A 389 3.28 -7.31 11.67
C GLY A 389 2.68 -6.53 10.50
N PHE A 390 2.40 -5.25 10.72
CA PHE A 390 1.83 -4.41 9.68
C PHE A 390 2.59 -4.51 8.37
N GLN A 391 1.84 -4.72 7.28
N GLN A 391 1.85 -4.62 7.27
CA GLN A 391 2.37 -4.83 5.91
CA GLN A 391 2.45 -4.72 5.96
C GLN A 391 1.79 -3.70 5.04
C GLN A 391 1.75 -3.77 4.98
N PRO A 392 2.45 -3.38 3.91
CA PRO A 392 1.96 -2.29 3.07
C PRO A 392 0.64 -2.59 2.37
N TYR A 394 -2.07 -1.52 -0.96
CA TYR A 394 -2.41 -0.85 -2.22
C TYR A 394 -3.93 -0.67 -2.33
N ALA A 395 -4.36 0.13 -3.31
CA ALA A 395 -5.77 0.43 -3.46
C ALA A 395 -6.58 -0.83 -3.82
N ASN A 396 -7.69 -1.02 -3.13
CA ASN A 396 -8.57 -2.14 -3.39
C ASN A 396 -9.95 -1.83 -2.80
N TRP A 397 -10.96 -2.56 -3.26
CA TRP A 397 -12.33 -2.27 -2.84
C TRP A 397 -12.64 -2.61 -1.38
N GLY A 398 -11.79 -3.41 -0.73
CA GLY A 398 -11.99 -3.68 0.69
C GLY A 398 -11.80 -2.48 1.59
N LEU A 399 -11.18 -1.42 1.08
CA LEU A 399 -10.83 -0.24 1.88
C LEU A 399 -12.01 0.70 2.11
N VAL A 400 -13.05 0.60 1.30
CA VAL A 400 -14.20 1.50 1.40
C VAL A 400 -15.43 0.72 1.88
N PRO A 401 -16.48 1.43 2.33
CA PRO A 401 -17.64 0.70 2.82
C PRO A 401 -18.30 -0.10 1.70
N PRO A 402 -19.02 -1.15 2.07
CA PRO A 402 -19.75 -1.93 1.08
C PRO A 402 -20.83 -1.08 0.42
N VAL A 403 -21.29 -1.53 -0.74
CA VAL A 403 -22.57 -1.06 -1.25
C VAL A 403 -23.52 -2.19 -0.97
N GLU A 404 -24.48 -1.95 -0.08
CA GLU A 404 -25.41 -2.98 0.30
C GLU A 404 -26.35 -3.24 -0.86
N GLY A 405 -26.76 -4.49 -0.98
CA GLY A 405 -27.64 -4.90 -2.06
C GLY A 405 -27.27 -6.30 -2.49
N ARG A 406 -28.00 -6.82 -3.45
CA ARG A 406 -27.67 -8.14 -3.98
C ARG A 406 -27.29 -8.10 -5.45
N GLY A 408 -24.64 -7.82 -8.61
CA GLY A 408 -23.38 -8.50 -8.84
C GLY A 408 -22.16 -7.65 -8.51
N LYS A 409 -20.99 -8.29 -8.47
CA LYS A 409 -19.76 -7.60 -8.10
C LYS A 409 -19.44 -6.43 -9.02
N LYS A 410 -19.60 -6.63 -10.32
CA LYS A 410 -19.31 -5.58 -11.28
C LYS A 410 -20.14 -4.33 -10.96
N GLU A 411 -21.42 -4.55 -10.71
CA GLU A 411 -22.34 -3.47 -10.40
C GLU A 411 -22.00 -2.81 -9.08
N LYS A 412 -21.69 -3.60 -8.06
CA LYS A 412 -21.32 -3.01 -6.76
C LYS A 412 -20.09 -2.14 -6.90
N ARG A 413 -19.12 -2.59 -7.69
CA ARG A 413 -17.91 -1.81 -7.90
C ARG A 413 -18.21 -0.52 -8.64
N GLN A 414 -19.05 -0.58 -9.67
CA GLN A 414 -19.44 0.63 -10.36
C GLN A 414 -20.12 1.61 -9.40
N ALA A 415 -20.99 1.09 -8.53
CA ALA A 415 -21.65 1.92 -7.54
C ALA A 415 -20.66 2.54 -6.57
N TYR A 417 -17.53 3.18 -7.17
CA TYR A 417 -16.78 4.17 -7.93
C TYR A 417 -17.52 5.51 -7.94
N ARG A 418 -18.80 5.47 -8.32
CA ARG A 418 -19.55 6.71 -8.40
C ARG A 418 -19.70 7.38 -7.05
N ARG A 419 -20.01 6.58 -6.04
CA ARG A 419 -20.18 7.10 -4.69
C ARG A 419 -18.87 7.73 -4.19
N GLY A 420 -17.77 7.03 -4.43
CA GLY A 420 -16.48 7.47 -3.92
C GLY A 420 -16.00 8.73 -4.60
N LEU A 421 -16.17 8.79 -5.92
CA LEU A 421 -15.70 9.96 -6.66
C LEU A 421 -16.50 11.19 -6.25
N GLU A 422 -17.81 11.02 -6.07
CA GLU A 422 -18.64 12.11 -5.61
C GLU A 422 -18.23 12.58 -4.22
N ALA A 423 -17.98 11.63 -3.32
CA ALA A 423 -17.57 11.97 -1.96
C ALA A 423 -16.24 12.73 -1.97
N PHE A 424 -15.31 12.28 -2.81
CA PHE A 424 -14.02 12.92 -2.89
C PHE A 424 -14.15 14.35 -3.41
N SER A 425 -14.96 14.52 -4.45
CA SER A 425 -15.16 15.83 -5.03
CA SER A 425 -15.17 15.83 -5.04
C SER A 425 -15.80 16.80 -4.05
N ALA A 426 -16.77 16.32 -3.29
CA ALA A 426 -17.40 17.17 -2.28
C ALA A 426 -16.39 17.57 -1.21
N TRP A 427 -15.53 16.63 -0.84
CA TRP A 427 -14.48 16.91 0.14
C TRP A 427 -13.55 18.01 -0.41
N LEU A 428 -13.11 17.87 -1.66
CA LEU A 428 -12.24 18.89 -2.25
C LEU A 428 -12.89 20.26 -2.21
N SER A 429 -14.18 20.30 -2.55
CA SER A 429 -14.90 21.56 -2.65
C SER A 429 -14.99 22.28 -1.32
N GLY A 430 -14.88 21.53 -0.23
CA GLY A 430 -14.95 22.11 1.09
C GLY A 430 -13.64 22.62 1.66
N LEU A 431 -12.54 22.40 0.93
CA LEU A 431 -11.22 22.83 1.40
C LEU A 431 -11.04 24.34 1.36
N ASN A 432 -10.52 24.90 2.44
CA ASN A 432 -10.22 26.32 2.52
C ASN A 432 -8.88 26.51 3.23
N PRO A 433 -7.87 27.04 2.51
CA PRO A 433 -7.93 27.55 1.13
C PRO A 433 -8.15 26.43 0.11
N PRO A 434 -8.77 26.76 -1.02
CA PRO A 434 -9.03 25.77 -2.06
C PRO A 434 -7.77 25.54 -2.89
N LEU A 435 -7.70 24.39 -3.53
CA LEU A 435 -6.69 24.16 -4.55
C LEU A 435 -7.08 25.02 -5.75
N PRO A 436 -6.19 25.92 -6.18
CA PRO A 436 -6.55 26.90 -7.20
C PRO A 436 -6.72 26.26 -8.58
#